data_9LMD
#
_entry.id   9LMD
#
_entity_poly.entity_id   1
_entity_poly.type   'polypeptide(L)'
_entity_poly.pdbx_seq_one_letter_code
;LTNRGYWLDGPWGAWWF
;
_entity_poly.pdbx_strand_id   A
#
# COMPACT_ATOMS: atom_id res chain seq x y z
N LEU A 1 0.85 2.48 -0.83
CA LEU A 1 1.54 3.35 -1.83
C LEU A 1 2.72 4.07 -1.17
N THR A 2 2.90 3.86 0.10
CA THR A 2 4.03 4.53 0.81
C THR A 2 5.20 3.55 0.92
N ASN A 3 5.18 2.51 0.14
CA ASN A 3 6.28 1.51 0.16
C ASN A 3 6.38 0.86 1.53
N ARG A 4 5.27 0.71 2.20
CA ARG A 4 5.29 0.05 3.54
C ARG A 4 4.53 -1.28 3.45
N GLY A 5 4.06 -1.61 2.27
CA GLY A 5 3.29 -2.87 2.09
C GLY A 5 3.75 -3.59 0.84
N TYR A 6 2.87 -4.32 0.23
CA TYR A 6 3.23 -5.07 -1.00
C TYR A 6 1.99 -5.78 -1.55
N TRP A 7 0.81 -5.22 -1.35
CA TRP A 7 -0.41 -5.90 -1.87
C TRP A 7 -1.51 -4.88 -2.13
N LEU A 8 -1.69 -3.93 -1.25
CA LEU A 8 -2.74 -2.93 -1.46
C LEU A 8 -2.52 -1.79 -0.47
N ASP A 9 -2.04 -0.67 -0.94
CA ASP A 9 -1.79 0.49 -0.05
C ASP A 9 -3.06 0.73 0.75
N GLY A 10 -4.12 0.08 0.37
CA GLY A 10 -5.40 0.26 1.11
C GLY A 10 -6.07 1.57 0.64
N PRO A 11 -6.19 2.56 1.50
CA PRO A 11 -6.82 3.86 1.11
C PRO A 11 -6.18 4.52 -0.11
N TRP A 12 -4.91 4.27 -0.38
CA TRP A 12 -4.28 4.93 -1.57
C TRP A 12 -4.40 4.05 -2.81
N GLY A 13 -4.19 2.76 -2.66
CA GLY A 13 -4.29 1.86 -3.85
C GLY A 13 -2.89 1.42 -4.31
N ALA A 14 -2.32 0.44 -3.66
CA ALA A 14 -0.94 -0.03 -4.05
C ALA A 14 -0.35 -0.96 -2.98
N TRP A 15 0.28 -0.41 -1.95
CA TRP A 15 0.88 -1.29 -0.89
C TRP A 15 1.37 -0.46 0.30
N TRP A 16 0.93 -0.78 1.49
CA TRP A 16 1.38 -0.03 2.70
C TRP A 16 0.97 -0.73 4.01
N PHE A 17 1.18 -2.01 4.09
CA PHE A 17 0.83 -2.75 5.35
C PHE A 17 1.17 -1.88 6.57
N LEU A 1 0.80 2.49 -0.72
CA LEU A 1 1.49 3.32 -1.76
C LEU A 1 2.71 4.01 -1.14
N THR A 2 2.88 3.89 0.14
CA THR A 2 4.05 4.54 0.80
C THR A 2 5.21 3.55 0.85
N ASN A 3 5.11 2.49 0.09
CA ASN A 3 6.18 1.46 0.06
C ASN A 3 6.34 0.81 1.44
N ARG A 4 5.28 0.70 2.17
CA ARG A 4 5.36 0.05 3.52
C ARG A 4 4.64 -1.30 3.44
N GLY A 5 4.11 -1.63 2.30
CA GLY A 5 3.38 -2.92 2.15
C GLY A 5 3.80 -3.61 0.86
N TYR A 6 2.89 -4.33 0.25
CA TYR A 6 3.23 -5.04 -1.01
C TYR A 6 1.98 -5.77 -1.54
N TRP A 7 0.80 -5.22 -1.33
CA TRP A 7 -0.41 -5.92 -1.84
C TRP A 7 -1.50 -4.89 -2.14
N LEU A 8 -1.73 -3.97 -1.25
CA LEU A 8 -2.77 -2.96 -1.49
C LEU A 8 -2.57 -1.83 -0.49
N ASP A 9 -2.05 -0.71 -0.93
CA ASP A 9 -1.82 0.44 -0.03
C ASP A 9 -3.09 0.64 0.77
N GLY A 10 -4.15 0.05 0.33
CA GLY A 10 -5.44 0.21 1.06
C GLY A 10 -6.15 1.47 0.53
N PRO A 11 -6.41 2.46 1.35
CA PRO A 11 -7.08 3.70 0.88
C PRO A 11 -6.33 4.42 -0.24
N TRP A 12 -5.04 4.20 -0.41
CA TRP A 12 -4.32 4.92 -1.50
C TRP A 12 -4.36 4.09 -2.78
N GLY A 13 -4.17 2.80 -2.68
CA GLY A 13 -4.21 1.93 -3.90
C GLY A 13 -2.79 1.51 -4.32
N ALA A 14 -2.26 0.48 -3.69
CA ALA A 14 -0.89 -0.01 -4.06
C ALA A 14 -0.33 -0.93 -2.96
N TRP A 15 0.31 -0.39 -1.96
CA TRP A 15 0.88 -1.26 -0.88
C TRP A 15 1.40 -0.42 0.31
N TRP A 16 0.98 -0.75 1.51
CA TRP A 16 1.45 0.00 2.71
C TRP A 16 1.02 -0.67 4.02
N PHE A 17 1.11 -1.97 4.11
CA PHE A 17 0.74 -2.67 5.37
C PHE A 17 1.20 -1.85 6.58
N LEU A 1 0.21 3.44 -1.41
CA LEU A 1 1.41 3.61 -2.28
C LEU A 1 2.49 4.36 -1.50
N THR A 2 2.88 3.84 -0.36
CA THR A 2 3.93 4.51 0.46
C THR A 2 5.12 3.57 0.66
N ASN A 3 5.14 2.48 -0.07
CA ASN A 3 6.27 1.51 0.06
C ASN A 3 6.32 0.93 1.48
N ARG A 4 5.19 0.77 2.10
CA ARG A 4 5.18 0.18 3.49
C ARG A 4 4.46 -1.17 3.46
N GLY A 5 4.03 -1.60 2.31
CA GLY A 5 3.31 -2.89 2.21
C GLY A 5 3.77 -3.66 0.97
N TYR A 6 2.87 -4.37 0.35
CA TYR A 6 3.25 -5.14 -0.86
C TYR A 6 2.01 -5.81 -1.46
N TRP A 7 0.82 -5.26 -1.27
CA TRP A 7 -0.38 -5.91 -1.85
C TRP A 7 -1.44 -4.86 -2.18
N LEU A 8 -1.62 -3.88 -1.32
CA LEU A 8 -2.64 -2.85 -1.59
C LEU A 8 -2.47 -1.72 -0.57
N ASP A 9 -2.01 -0.57 -1.01
CA ASP A 9 -1.82 0.58 -0.07
C ASP A 9 -3.10 0.74 0.75
N GLY A 10 -4.13 0.06 0.38
CA GLY A 10 -5.41 0.19 1.13
C GLY A 10 -6.06 1.54 0.79
N PRO A 11 -6.13 2.48 1.71
CA PRO A 11 -6.73 3.81 1.43
C PRO A 11 -6.16 4.51 0.19
N TRP A 12 -4.95 4.21 -0.22
CA TRP A 12 -4.39 4.92 -1.42
C TRP A 12 -4.51 4.06 -2.67
N GLY A 13 -3.95 2.89 -2.66
CA GLY A 13 -4.03 2.00 -3.87
C GLY A 13 -2.61 1.57 -4.28
N ALA A 14 -2.12 0.48 -3.73
CA ALA A 14 -0.75 -0.01 -4.09
C ALA A 14 -0.22 -0.99 -3.02
N TRP A 15 0.41 -0.50 -1.98
CA TRP A 15 0.95 -1.43 -0.93
C TRP A 15 1.42 -0.64 0.31
N TRP A 16 0.81 -0.86 1.46
CA TRP A 16 1.26 -0.08 2.67
C TRP A 16 0.88 -0.77 4.00
N PHE A 17 0.89 -2.07 4.06
CA PHE A 17 0.55 -2.77 5.35
C PHE A 17 1.09 -1.95 6.54
N LEU A 1 0.88 2.36 -0.98
CA LEU A 1 1.65 3.21 -1.96
C LEU A 1 2.77 3.97 -1.24
N THR A 2 2.87 3.81 0.05
CA THR A 2 3.95 4.53 0.79
C THR A 2 5.16 3.61 0.94
N ASN A 3 5.21 2.57 0.14
CA ASN A 3 6.36 1.61 0.20
C ASN A 3 6.42 0.96 1.58
N ARG A 4 5.29 0.75 2.21
CA ARG A 4 5.29 0.08 3.55
C ARG A 4 4.54 -1.24 3.44
N GLY A 5 4.07 -1.58 2.27
CA GLY A 5 3.31 -2.84 2.09
C GLY A 5 3.76 -3.57 0.84
N TYR A 6 2.88 -4.33 0.25
CA TYR A 6 3.24 -5.09 -0.97
C TYR A 6 1.99 -5.79 -1.52
N TRP A 7 0.82 -5.23 -1.33
CA TRP A 7 -0.39 -5.91 -1.86
C TRP A 7 -1.50 -4.89 -2.11
N LEU A 8 -1.65 -3.92 -1.25
CA LEU A 8 -2.70 -2.92 -1.44
C LEU A 8 -2.50 -1.77 -0.45
N ASP A 9 -2.02 -0.66 -0.92
CA ASP A 9 -1.79 0.52 -0.04
C ASP A 9 -3.06 0.75 0.76
N GLY A 10 -4.11 0.09 0.38
CA GLY A 10 -5.41 0.26 1.11
C GLY A 10 -6.06 1.58 0.66
N PRO A 11 -6.16 2.57 1.52
CA PRO A 11 -6.77 3.88 1.15
C PRO A 11 -6.12 4.53 -0.08
N TRP A 12 -4.87 4.29 -0.37
CA TRP A 12 -4.25 4.95 -1.56
C TRP A 12 -4.38 4.05 -2.80
N GLY A 13 -4.17 2.77 -2.65
CA GLY A 13 -4.28 1.86 -3.84
C GLY A 13 -2.88 1.42 -4.30
N ALA A 14 -2.32 0.42 -3.68
CA ALA A 14 -0.95 -0.06 -4.08
C ALA A 14 -0.37 -0.98 -2.99
N TRP A 15 0.27 -0.44 -1.98
CA TRP A 15 0.86 -1.30 -0.91
C TRP A 15 1.35 -0.47 0.29
N TRP A 16 0.90 -0.81 1.48
CA TRP A 16 1.34 -0.05 2.69
C TRP A 16 0.93 -0.77 3.99
N PHE A 17 1.16 -2.04 4.08
CA PHE A 17 0.79 -2.80 5.32
C PHE A 17 1.14 -1.96 6.55
N LEU A 1 0.15 3.53 -1.32
CA LEU A 1 1.35 3.67 -2.20
C LEU A 1 2.46 4.40 -1.44
N THR A 2 2.88 3.85 -0.34
CA THR A 2 3.95 4.51 0.47
C THR A 2 5.13 3.54 0.65
N ASN A 3 5.15 2.45 -0.08
CA ASN A 3 6.27 1.48 0.05
C ASN A 3 6.33 0.90 1.47
N ARG A 4 5.20 0.76 2.11
CA ARG A 4 5.19 0.18 3.49
C ARG A 4 4.50 -1.18 3.46
N GLY A 5 4.08 -1.62 2.30
CA GLY A 5 3.37 -2.94 2.21
C GLY A 5 3.79 -3.65 0.94
N TYR A 6 2.90 -4.42 0.36
CA TYR A 6 3.24 -5.16 -0.87
C TYR A 6 1.99 -5.79 -1.50
N TRP A 7 0.82 -5.24 -1.26
CA TRP A 7 -0.40 -5.85 -1.87
C TRP A 7 -1.45 -4.78 -2.16
N LEU A 8 -1.66 -3.87 -1.25
CA LEU A 8 -2.69 -2.83 -1.46
C LEU A 8 -2.44 -1.69 -0.47
N ASP A 9 -2.03 -0.54 -0.94
CA ASP A 9 -1.79 0.60 -0.02
C ASP A 9 -3.01 0.77 0.87
N GLY A 10 -4.03 0.07 0.58
CA GLY A 10 -5.29 0.20 1.36
C GLY A 10 -6.08 1.38 0.78
N PRO A 11 -6.23 2.46 1.53
CA PRO A 11 -6.98 3.64 1.03
C PRO A 11 -6.23 4.42 -0.07
N TRP A 12 -4.94 4.21 -0.27
CA TRP A 12 -4.25 4.98 -1.35
C TRP A 12 -4.32 4.17 -2.65
N GLY A 13 -4.03 2.90 -2.59
CA GLY A 13 -4.07 2.06 -3.83
C GLY A 13 -2.66 1.63 -4.23
N ALA A 14 -2.20 0.53 -3.71
CA ALA A 14 -0.82 0.05 -4.05
C ALA A 14 -0.30 -0.95 -3.00
N TRP A 15 0.40 -0.47 -2.00
CA TRP A 15 0.94 -1.40 -0.96
C TRP A 15 1.44 -0.62 0.27
N TRP A 16 0.88 -0.86 1.43
CA TRP A 16 1.32 -0.10 2.65
C TRP A 16 0.92 -0.78 3.97
N PHE A 17 0.89 -2.09 4.03
CA PHE A 17 0.52 -2.77 5.31
C PHE A 17 1.07 -2.00 6.51
N LEU A 1 0.80 2.48 -0.75
CA LEU A 1 1.50 3.33 -1.79
C LEU A 1 2.72 4.02 -1.16
N THR A 2 2.88 3.90 0.12
CA THR A 2 4.05 4.54 0.79
C THR A 2 5.20 3.54 0.85
N ASN A 3 5.10 2.49 0.08
CA ASN A 3 6.17 1.45 0.06
C ASN A 3 6.32 0.81 1.44
N ARG A 4 5.25 0.69 2.17
CA ARG A 4 5.32 0.04 3.52
C ARG A 4 4.58 -1.30 3.43
N GLY A 5 4.07 -1.63 2.27
CA GLY A 5 3.32 -2.90 2.11
C GLY A 5 3.76 -3.61 0.85
N TYR A 6 2.87 -4.34 0.24
CA TYR A 6 3.21 -5.08 -1.00
C TYR A 6 1.97 -5.79 -1.55
N TRP A 7 0.79 -5.24 -1.34
CA TRP A 7 -0.43 -5.92 -1.86
C TRP A 7 -1.52 -4.89 -2.16
N LEU A 8 -1.74 -3.97 -1.25
CA LEU A 8 -2.78 -2.96 -1.48
C LEU A 8 -2.56 -1.82 -0.47
N ASP A 9 -2.05 -0.72 -0.93
CA ASP A 9 -1.81 0.44 -0.04
C ASP A 9 -3.08 0.65 0.77
N GLY A 10 -4.14 0.05 0.35
CA GLY A 10 -5.42 0.21 1.09
C GLY A 10 -6.14 1.46 0.55
N PRO A 11 -6.39 2.46 1.37
CA PRO A 11 -7.07 3.71 0.92
C PRO A 11 -6.32 4.43 -0.22
N TRP A 12 -5.04 4.19 -0.39
CA TRP A 12 -4.33 4.92 -1.50
C TRP A 12 -4.38 4.08 -2.78
N GLY A 13 -4.18 2.79 -2.68
CA GLY A 13 -4.23 1.92 -3.89
C GLY A 13 -2.82 1.49 -4.31
N ALA A 14 -2.29 0.47 -3.69
CA ALA A 14 -0.91 -0.02 -4.06
C ALA A 14 -0.34 -0.94 -2.98
N TRP A 15 0.32 -0.40 -1.97
CA TRP A 15 0.89 -1.27 -0.90
C TRP A 15 1.41 -0.44 0.29
N TRP A 16 0.98 -0.75 1.49
CA TRP A 16 1.44 0.01 2.69
C TRP A 16 1.03 -0.67 4.01
N PHE A 17 1.15 -1.97 4.10
CA PHE A 17 0.77 -2.66 5.37
C PHE A 17 1.25 -1.83 6.57
N LEU A 1 0.84 2.37 -1.03
CA LEU A 1 1.61 3.25 -1.99
C LEU A 1 2.65 4.07 -1.24
N THR A 2 2.92 3.73 -0.01
CA THR A 2 3.93 4.50 0.78
C THR A 2 5.16 3.63 1.00
N ASN A 3 5.31 2.59 0.22
CA ASN A 3 6.49 1.69 0.37
C ASN A 3 6.51 1.04 1.75
N ARG A 4 5.36 0.69 2.27
CA ARG A 4 5.31 0.02 3.60
C ARG A 4 4.53 -1.29 3.47
N GLY A 5 4.07 -1.59 2.29
CA GLY A 5 3.28 -2.84 2.09
C GLY A 5 3.75 -3.57 0.84
N TYR A 6 2.87 -4.32 0.25
CA TYR A 6 3.24 -5.07 -0.98
C TYR A 6 2.00 -5.78 -1.53
N TRP A 7 0.82 -5.22 -1.34
CA TRP A 7 -0.39 -5.91 -1.86
C TRP A 7 -1.49 -4.89 -2.12
N LEU A 8 -1.65 -3.92 -1.25
CA LEU A 8 -2.71 -2.93 -1.46
C LEU A 8 -2.51 -1.78 -0.47
N ASP A 9 -2.02 -0.67 -0.94
CA ASP A 9 -1.81 0.51 -0.06
C ASP A 9 -3.08 0.74 0.74
N GLY A 10 -4.13 0.07 0.37
CA GLY A 10 -5.41 0.25 1.11
C GLY A 10 -6.06 1.57 0.66
N PRO A 11 -6.15 2.55 1.53
CA PRO A 11 -6.77 3.86 1.17
C PRO A 11 -6.13 4.52 -0.07
N TRP A 12 -4.88 4.27 -0.37
CA TRP A 12 -4.28 4.93 -1.57
C TRP A 12 -4.41 4.03 -2.81
N GLY A 13 -4.20 2.75 -2.67
CA GLY A 13 -4.30 1.84 -3.85
C GLY A 13 -2.91 1.40 -4.31
N ALA A 14 -2.34 0.40 -3.69
CA ALA A 14 -0.97 -0.08 -4.08
C ALA A 14 -0.37 -0.98 -3.00
N TRP A 15 0.27 -0.42 -1.99
CA TRP A 15 0.87 -1.28 -0.91
C TRP A 15 1.35 -0.43 0.28
N TRP A 16 0.91 -0.76 1.47
CA TRP A 16 1.33 0.02 2.68
C TRP A 16 0.93 -0.71 3.99
N PHE A 17 1.16 -2.00 4.07
CA PHE A 17 0.82 -2.75 5.30
C PHE A 17 1.16 -1.91 6.53
N LEU A 1 0.84 2.48 -0.85
CA LEU A 1 1.54 3.35 -1.84
C LEU A 1 2.71 4.07 -1.17
N THR A 2 2.90 3.85 0.10
CA THR A 2 4.01 4.52 0.82
C THR A 2 5.19 3.56 0.92
N ASN A 3 5.17 2.51 0.13
CA ASN A 3 6.29 1.53 0.15
C ASN A 3 6.39 0.87 1.52
N ARG A 4 5.29 0.71 2.20
CA ARG A 4 5.29 0.05 3.53
C ARG A 4 4.55 -1.28 3.44
N GLY A 5 4.06 -1.61 2.27
CA GLY A 5 3.30 -2.87 2.09
C GLY A 5 3.76 -3.60 0.85
N TYR A 6 2.87 -4.32 0.23
CA TYR A 6 3.22 -5.07 -1.00
C TYR A 6 1.98 -5.78 -1.54
N TRP A 7 0.80 -5.23 -1.34
CA TRP A 7 -0.42 -5.91 -1.86
C TRP A 7 -1.51 -4.88 -2.13
N LEU A 8 -1.69 -3.94 -1.24
CA LEU A 8 -2.74 -2.93 -1.46
C LEU A 8 -2.53 -1.79 -0.46
N ASP A 9 -2.04 -0.67 -0.94
CA ASP A 9 -1.80 0.49 -0.05
C ASP A 9 -3.07 0.73 0.76
N GLY A 10 -4.13 0.08 0.37
CA GLY A 10 -5.41 0.26 1.11
C GLY A 10 -6.08 1.57 0.64
N PRO A 11 -6.20 2.57 1.49
CA PRO A 11 -6.82 3.86 1.10
C PRO A 11 -6.17 4.52 -0.12
N TRP A 12 -4.90 4.26 -0.39
CA TRP A 12 -4.27 4.94 -1.57
C TRP A 12 -4.40 4.05 -2.81
N GLY A 13 -4.18 2.77 -2.67
CA GLY A 13 -4.28 1.86 -3.86
C GLY A 13 -2.88 1.43 -4.31
N ALA A 14 -2.31 0.45 -3.66
CA ALA A 14 -0.94 -0.03 -4.05
C ALA A 14 -0.36 -0.97 -2.97
N TRP A 15 0.28 -0.41 -1.95
CA TRP A 15 0.86 -1.29 -0.89
C TRP A 15 1.37 -0.46 0.31
N TRP A 16 0.92 -0.79 1.50
CA TRP A 16 1.38 -0.02 2.71
C TRP A 16 0.96 -0.74 4.02
N PHE A 17 1.18 -2.02 4.10
CA PHE A 17 0.83 -2.75 5.35
C PHE A 17 1.17 -1.89 6.57
N LEU A 1 0.22 3.46 -1.36
CA LEU A 1 1.40 3.60 -2.25
C LEU A 1 2.50 4.35 -1.48
N THR A 2 2.86 3.85 -0.32
CA THR A 2 3.92 4.52 0.49
C THR A 2 5.11 3.58 0.69
N ASN A 3 5.14 2.49 -0.05
CA ASN A 3 6.28 1.53 0.09
C ASN A 3 6.33 0.95 1.50
N ARG A 4 5.19 0.76 2.12
CA ARG A 4 5.18 0.17 3.49
C ARG A 4 4.47 -1.18 3.45
N GLY A 5 4.04 -1.60 2.29
CA GLY A 5 3.32 -2.90 2.20
C GLY A 5 3.76 -3.65 0.94
N TYR A 6 2.87 -4.41 0.36
CA TYR A 6 3.24 -5.17 -0.85
C TYR A 6 1.99 -5.84 -1.46
N TRP A 7 0.81 -5.28 -1.26
CA TRP A 7 -0.40 -5.92 -1.83
C TRP A 7 -1.45 -4.85 -2.16
N LEU A 8 -1.63 -3.90 -1.30
CA LEU A 8 -2.65 -2.85 -1.56
C LEU A 8 -2.46 -1.71 -0.55
N ASP A 9 -2.00 -0.57 -0.99
CA ASP A 9 -1.82 0.58 -0.06
C ASP A 9 -3.08 0.75 0.77
N GLY A 10 -4.11 0.06 0.40
CA GLY A 10 -5.40 0.19 1.14
C GLY A 10 -6.05 1.53 0.77
N PRO A 11 -6.15 2.47 1.69
CA PRO A 11 -6.77 3.80 1.39
C PRO A 11 -6.17 4.50 0.17
N TRP A 12 -4.95 4.21 -0.22
CA TRP A 12 -4.37 4.94 -1.40
C TRP A 12 -4.50 4.07 -2.66
N GLY A 13 -3.96 2.89 -2.65
CA GLY A 13 -4.04 2.01 -3.85
C GLY A 13 -2.62 1.58 -4.27
N ALA A 14 -2.15 0.48 -3.75
CA ALA A 14 -0.78 -0.01 -4.10
C ALA A 14 -0.25 -1.00 -3.05
N TRP A 15 0.39 -0.51 -2.00
CA TRP A 15 0.94 -1.44 -0.96
C TRP A 15 1.43 -0.66 0.27
N TRP A 16 0.84 -0.86 1.43
CA TRP A 16 1.30 -0.09 2.63
C TRP A 16 0.90 -0.76 3.96
N PHE A 17 0.91 -2.07 4.05
CA PHE A 17 0.54 -2.74 5.34
C PHE A 17 1.07 -1.93 6.52
N LEU A 1 0.29 3.20 -1.91
CA LEU A 1 1.62 3.32 -2.58
C LEU A 1 2.57 4.17 -1.71
N THR A 2 3.11 3.59 -0.66
CA THR A 2 4.05 4.35 0.22
C THR A 2 5.24 3.46 0.59
N ASN A 3 5.43 2.39 -0.13
CA ASN A 3 6.57 1.45 0.15
C ASN A 3 6.47 0.91 1.58
N ARG A 4 5.28 0.76 2.10
CA ARG A 4 5.12 0.22 3.48
C ARG A 4 4.36 -1.11 3.42
N GLY A 5 4.01 -1.56 2.23
CA GLY A 5 3.25 -2.82 2.11
C GLY A 5 3.72 -3.61 0.89
N TYR A 6 2.82 -4.35 0.28
CA TYR A 6 3.19 -5.14 -0.91
C TYR A 6 1.94 -5.78 -1.51
N TRP A 7 0.77 -5.24 -1.27
CA TRP A 7 -0.46 -5.85 -1.85
C TRP A 7 -1.48 -4.77 -2.18
N LEU A 8 -1.76 -3.90 -1.25
CA LEU A 8 -2.75 -2.84 -1.50
C LEU A 8 -2.47 -1.69 -0.53
N ASP A 9 -2.04 -0.56 -1.04
CA ASP A 9 -1.77 0.59 -0.15
C ASP A 9 -2.94 0.80 0.78
N GLY A 10 -4.01 0.09 0.55
CA GLY A 10 -5.22 0.25 1.39
C GLY A 10 -6.04 1.42 0.86
N PRO A 11 -6.15 2.51 1.58
CA PRO A 11 -6.92 3.70 1.13
C PRO A 11 -6.27 4.45 -0.06
N TRP A 12 -5.01 4.20 -0.35
CA TRP A 12 -4.37 4.94 -1.49
C TRP A 12 -4.46 4.09 -2.77
N GLY A 13 -4.09 2.83 -2.68
CA GLY A 13 -4.16 1.95 -3.89
C GLY A 13 -2.75 1.49 -4.30
N ALA A 14 -2.28 0.42 -3.73
CA ALA A 14 -0.92 -0.10 -4.09
C ALA A 14 -0.35 -1.04 -3.00
N TRP A 15 0.33 -0.52 -2.00
CA TRP A 15 0.92 -1.42 -0.96
C TRP A 15 1.43 -0.63 0.27
N TRP A 16 0.81 -0.80 1.42
CA TRP A 16 1.27 -0.03 2.62
C TRP A 16 0.94 -0.74 3.95
N PHE A 17 1.03 -2.05 4.01
CA PHE A 17 0.75 -2.77 5.28
C PHE A 17 1.17 -1.92 6.49
#